data_5A2L
#
_entry.id   5A2L
#
_cell.length_a   46.080
_cell.length_b   35.190
_cell.length_c   66.290
_cell.angle_alpha   90.00
_cell.angle_beta   103.01
_cell.angle_gamma   90.00
#
_symmetry.space_group_name_H-M   'P 1 21 1'
#
loop_
_entity.id
_entity.type
_entity.pdbx_description
1 polymer SCFV-SM3
2 polymer 'MODIFIED ANTIGEN TN'
3 non-polymer 1,2-ETHANEDIOL
4 non-polymer 2-acetamido-2-deoxy-alpha-D-galactopyranose
5 water water
#
loop_
_entity_poly.entity_id
_entity_poly.type
_entity_poly.pdbx_seq_one_letter_code
_entity_poly.pdbx_strand_id
1 'polypeptide(L)'
;QVQLQESGGGLVQPGGSMKLSCVASGFTFSNYWMNWVRQSPEKGLEWVAEIRLKSNNYATHYAESVKGRFTISRDDSKSS
VYLQMNNLRAEDTGIYYCTGVGQFAYWGQGTTVTVSASSGGGGSGGGGGSSGSSDIVVTQESALTTSPGETVTLTCRSST
GAVTTSNYANWVQEKPDHLFTGLIGGTNNRAPGVPARFSGSLIGDKAALTITGAQTEDEAIYFCALWYSNHWVFGGGTKL
TVLG
;
H
2 'polypeptide(L)' APDCRP P
#
loop_
_chem_comp.id
_chem_comp.type
_chem_comp.name
_chem_comp.formula
A2G D-saccharide, alpha linking 2-acetamido-2-deoxy-alpha-D-galactopyranose 'C8 H15 N O6'
EDO non-polymer 1,2-ETHANEDIOL 'C2 H6 O2'
#
# COMPACT_ATOMS: atom_id res chain seq x y z
N VAL A 2 2.68 11.80 -12.09
CA VAL A 2 2.81 10.30 -12.01
C VAL A 2 1.48 9.58 -12.15
N GLN A 3 1.40 8.68 -13.12
CA GLN A 3 0.27 7.81 -13.28
C GLN A 3 0.74 6.36 -13.25
N LEU A 4 -0.06 5.53 -12.60
CA LEU A 4 0.01 4.10 -12.70
C LEU A 4 -1.38 3.78 -13.16
N GLN A 5 -1.51 2.87 -14.10
CA GLN A 5 -2.81 2.56 -14.63
C GLN A 5 -2.88 1.08 -14.91
N GLU A 6 -3.75 0.42 -14.13
CA GLU A 6 -3.93 -1.02 -14.20
C GLU A 6 -4.99 -1.40 -15.23
N SER A 7 -4.90 -2.65 -15.69
CA SER A 7 -5.89 -3.21 -16.56
C SER A 7 -5.79 -4.73 -16.47
N GLY A 8 -6.77 -5.43 -17.01
CA GLY A 8 -6.76 -6.88 -17.04
C GLY A 8 -7.75 -7.57 -16.11
N GLY A 9 -8.37 -6.83 -15.21
CA GLY A 9 -9.36 -7.40 -14.29
C GLY A 9 -10.63 -7.91 -14.96
N GLY A 10 -11.47 -8.58 -14.18
CA GLY A 10 -12.78 -9.03 -14.64
C GLY A 10 -13.17 -10.33 -13.97
N LEU A 11 -14.15 -11.01 -14.55
CA LEU A 11 -14.71 -12.22 -13.95
C LEU A 11 -13.87 -13.42 -14.35
N VAL A 12 -13.57 -14.28 -13.37
CA VAL A 12 -12.80 -15.49 -13.58
C VAL A 12 -13.45 -16.58 -12.76
N GLN A 13 -13.45 -17.80 -13.28
CA GLN A 13 -13.99 -18.96 -12.57
C GLN A 13 -12.97 -19.45 -11.55
N PRO A 14 -13.44 -19.98 -10.40
CA PRO A 14 -12.50 -20.54 -9.44
C PRO A 14 -11.60 -21.55 -10.12
N GLY A 15 -10.31 -21.48 -9.81
CA GLY A 15 -9.32 -22.34 -10.44
C GLY A 15 -8.77 -21.80 -11.73
N GLY A 16 -9.35 -20.72 -12.23
CA GLY A 16 -8.90 -20.10 -13.46
C GLY A 16 -7.72 -19.15 -13.30
N SER A 17 -7.31 -18.57 -14.42
CA SER A 17 -6.16 -17.66 -14.49
C SER A 17 -6.51 -16.32 -15.12
N MET A 18 -5.67 -15.33 -14.84
CA MET A 18 -5.91 -13.96 -15.25
C MET A 18 -4.60 -13.22 -15.15
N LYS A 19 -4.31 -12.36 -16.11
CA LYS A 19 -3.10 -11.56 -16.05
C LYS A 19 -3.43 -10.08 -15.93
N LEU A 20 -2.88 -9.42 -14.93
CA LEU A 20 -3.00 -7.97 -14.78
C LEU A 20 -1.76 -7.25 -15.32
N SER A 21 -1.98 -6.03 -15.81
CA SER A 21 -0.90 -5.17 -16.34
C SER A 21 -1.00 -3.80 -15.68
N CYS A 22 0.13 -3.12 -15.61
CA CYS A 22 0.14 -1.77 -15.09
C CYS A 22 1.23 -1.01 -15.82
N VAL A 23 0.88 0.13 -16.38
CA VAL A 23 1.87 0.97 -17.06
C VAL A 23 2.12 2.24 -16.24
N ALA A 24 3.40 2.59 -16.13
CA ALA A 24 3.84 3.68 -15.28
C ALA A 24 4.34 4.86 -16.12
N SER A 25 4.06 6.08 -15.70
CA SER A 25 4.66 7.28 -16.32
C SER A 25 4.95 8.33 -15.26
N GLY A 26 5.85 9.25 -15.58
CA GLY A 26 6.15 10.39 -14.72
C GLY A 26 7.22 10.13 -13.67
N PHE A 27 7.81 8.94 -13.67
CA PHE A 27 8.95 8.68 -12.81
C PHE A 27 9.82 7.64 -13.47
N THR A 28 11.04 7.47 -12.97
CA THR A 28 11.98 6.52 -13.56
C THR A 28 11.65 5.13 -13.07
N PHE A 29 10.73 4.50 -13.77
CA PHE A 29 10.19 3.19 -13.44
C PHE A 29 11.24 2.16 -13.08
N SER A 30 12.27 2.06 -13.92
CA SER A 30 13.31 1.06 -13.75
C SER A 30 14.19 1.25 -12.52
N ASN A 31 14.08 2.41 -11.85
CA ASN A 31 14.83 2.65 -10.62
C ASN A 31 14.10 2.26 -9.35
N TYR A 32 12.88 1.77 -9.48
CA TYR A 32 12.06 1.47 -8.31
C TYR A 32 11.47 0.08 -8.33
N TRP A 33 11.36 -0.48 -7.14
CA TRP A 33 10.62 -1.72 -6.96
C TRP A 33 9.14 -1.45 -7.22
N MET A 34 8.43 -2.48 -7.65
CA MET A 34 6.99 -2.34 -7.82
C MET A 34 6.29 -3.42 -7.05
N ASN A 35 5.10 -3.09 -6.56
CA ASN A 35 4.27 -4.01 -5.77
C ASN A 35 2.88 -4.10 -6.36
N TRP A 36 2.22 -5.19 -6.02
CA TRP A 36 0.80 -5.36 -6.13
C TRP A 36 0.25 -5.53 -4.71
N VAL A 37 -0.81 -4.77 -4.43
CA VAL A 37 -1.56 -4.76 -3.19
C VAL A 37 -3.02 -4.91 -3.59
N ARG A 38 -3.78 -5.75 -2.89
CA ARG A 38 -5.20 -5.88 -3.18
C ARG A 38 -6.05 -5.50 -1.98
N GLN A 39 -7.24 -5.03 -2.30
CA GLN A 39 -8.24 -4.61 -1.32
C GLN A 39 -9.51 -5.46 -1.48
N SER A 40 -9.87 -6.17 -0.42
CA SER A 40 -11.12 -6.94 -0.42
C SER A 40 -12.14 -6.38 0.59
N PRO A 41 -13.43 -6.78 0.45
CA PRO A 41 -14.42 -6.46 1.48
C PRO A 41 -14.00 -7.01 2.85
N GLU A 42 -13.70 -8.30 2.92
CA GLU A 42 -13.39 -8.92 4.21
C GLU A 42 -11.94 -8.73 4.70
N LYS A 43 -10.94 -8.93 3.84
CA LYS A 43 -9.55 -8.93 4.33
C LYS A 43 -8.81 -7.58 4.33
N GLY A 44 -9.45 -6.50 3.89
CA GLY A 44 -8.83 -5.15 3.88
C GLY A 44 -7.74 -5.01 2.83
N LEU A 45 -6.78 -4.11 3.07
CA LEU A 45 -5.56 -4.02 2.22
C LEU A 45 -4.54 -5.12 2.54
N GLU A 46 -4.05 -5.75 1.47
CA GLU A 46 -3.20 -6.91 1.59
C GLU A 46 -2.17 -6.84 0.48
N TRP A 47 -0.92 -6.79 0.90
CA TRP A 47 0.22 -6.82 -0.01
C TRP A 47 0.35 -8.20 -0.63
N VAL A 48 0.52 -8.24 -1.94
CA VAL A 48 0.54 -9.50 -2.70
C VAL A 48 1.95 -9.92 -3.14
N ALA A 49 2.69 -8.98 -3.69
CA ALA A 49 3.93 -9.30 -4.35
C ALA A 49 4.76 -8.04 -4.56
N GLU A 50 6.08 -8.22 -4.57
CA GLU A 50 7.03 -7.21 -5.02
C GLU A 50 7.99 -7.79 -6.06
N ILE A 51 8.51 -6.89 -6.86
CA ILE A 51 9.59 -7.21 -7.76
C ILE A 51 10.57 -6.05 -7.70
N ARG A 52 11.83 -6.44 -7.67
CA ARG A 52 12.89 -5.52 -7.46
C ARG A 52 13.45 -5.20 -8.85
N LEU A 53 14.92 -4.55 -8.71
CA LEU A 53 15.43 -3.95 -9.94
C LEU A 53 16.15 -5.03 -10.74
N LYS A 54 16.56 -4.60 -12.19
CA LYS A 54 17.51 -5.44 -12.95
C LYS A 54 18.76 -5.79 -12.13
N SER A 55 19.37 -4.58 -11.15
CA SER A 55 20.57 -4.92 -10.41
C SER A 55 20.32 -5.96 -9.32
N ASN A 56 19.06 -6.30 -9.06
CA ASN A 56 18.72 -7.30 -8.05
C ASN A 56 18.31 -8.58 -8.70
N ASN A 57 18.65 -8.71 -9.98
CA ASN A 57 18.23 -9.85 -10.79
C ASN A 57 16.72 -10.03 -10.77
N TYR A 58 16.00 -8.90 -10.75
CA TYR A 58 14.55 -8.89 -10.71
C TYR A 58 13.95 -9.83 -9.66
N ALA A 59 14.53 -9.82 -8.46
CA ALA A 59 14.09 -10.69 -7.36
C ALA A 59 12.63 -10.41 -7.02
N THR A 60 11.91 -11.46 -6.67
CA THR A 60 10.47 -11.39 -6.36
C THR A 60 10.19 -11.98 -5.02
N HIS A 61 9.23 -11.40 -4.31
CA HIS A 61 8.72 -12.00 -3.10
C HIS A 61 7.22 -11.88 -3.11
N TYR A 62 6.57 -12.80 -2.41
CA TYR A 62 5.13 -13.02 -2.48
C TYR A 62 4.55 -13.18 -1.09
N ALA A 63 3.30 -12.77 -0.93
CA ALA A 63 2.57 -13.11 0.26
C ALA A 63 2.41 -14.62 0.32
N GLU A 64 2.36 -15.13 1.55
CA GLU A 64 2.19 -16.56 1.73
C GLU A 64 0.90 -17.03 1.04
N SER A 65 -0.17 -16.23 1.13
CA SER A 65 -1.49 -16.55 0.54
C SER A 65 -1.52 -16.80 -0.97
N VAL A 66 -0.52 -16.31 -1.70
CA VAL A 66 -0.48 -16.41 -3.15
C VAL A 66 0.75 -17.12 -3.67
N LYS A 67 1.67 -17.46 -2.77
CA LYS A 67 2.95 -18.08 -3.16
C LYS A 67 2.62 -19.37 -3.92
N GLY A 68 3.24 -19.56 -5.07
CA GLY A 68 2.99 -20.73 -5.90
C GLY A 68 1.85 -20.61 -6.88
N ARG A 69 1.04 -19.56 -6.77
CA ARG A 69 -0.08 -19.37 -7.68
C ARG A 69 0.10 -18.11 -8.54
N PHE A 70 0.75 -17.07 -8.00
CA PHE A 70 0.94 -15.82 -8.72
C PHE A 70 2.41 -15.63 -9.11
N THR A 71 2.62 -14.93 -10.21
CA THR A 71 3.94 -14.56 -10.69
C THR A 71 3.88 -13.08 -11.07
N ILE A 72 4.76 -12.30 -10.44
CA ILE A 72 4.91 -10.88 -10.75
C ILE A 72 6.11 -10.77 -11.69
N SER A 73 6.04 -9.83 -12.65
CA SER A 73 7.14 -9.58 -13.56
C SER A 73 7.08 -8.14 -14.02
N ARG A 74 8.14 -7.70 -14.70
CA ARG A 74 8.21 -6.33 -15.19
C ARG A 74 8.90 -6.28 -16.54
N ASP A 75 8.57 -5.26 -17.32
CA ASP A 75 9.25 -4.96 -18.58
C ASP A 75 9.66 -3.51 -18.52
N ASP A 76 10.92 -3.27 -18.18
CA ASP A 76 11.41 -1.92 -18.00
C ASP A 76 11.40 -1.18 -19.31
N SER A 77 11.48 -1.89 -20.42
CA SER A 77 11.43 -1.29 -21.74
C SER A 77 10.05 -0.68 -22.02
N LYS A 78 9.00 -1.21 -21.39
CA LYS A 78 7.64 -0.68 -21.59
C LYS A 78 7.09 0.00 -20.33
N SER A 79 7.95 0.19 -19.33
CA SER A 79 7.55 0.81 -18.06
C SER A 79 6.29 0.14 -17.49
N SER A 80 6.31 -1.19 -17.44
CA SER A 80 5.13 -1.94 -17.04
C SER A 80 5.47 -3.07 -16.09
N VAL A 81 4.53 -3.37 -15.21
CA VAL A 81 4.64 -4.48 -14.26
C VAL A 81 3.39 -5.32 -14.49
N TYR A 82 3.52 -6.62 -14.25
CA TYR A 82 2.46 -7.59 -14.51
C TYR A 82 2.21 -8.49 -13.32
N LEU A 83 1.02 -9.00 -13.23
CA LEU A 83 0.68 -10.02 -12.27
C LEU A 83 -0.04 -11.15 -12.94
N GLN A 84 0.64 -12.26 -13.09
CA GLN A 84 0.01 -13.48 -13.56
C GLN A 84 -0.55 -14.24 -12.36
N MET A 85 -1.84 -14.49 -12.37
CA MET A 85 -2.56 -15.17 -11.29
C MET A 85 -3.22 -16.43 -11.87
N ASN A 86 -2.74 -17.90 -11.26
CA ASN A 86 -3.27 -19.20 -11.59
C ASN A 86 -3.92 -19.76 -10.37
N ASN A 87 -5.17 -20.78 -10.73
CA ASN A 87 -5.72 -21.55 -9.63
C ASN A 87 -6.52 -20.65 -8.71
N LEU A 88 -7.13 -19.39 -9.41
CA LEU A 88 -7.77 -18.40 -8.53
C LEU A 88 -8.76 -19.07 -7.59
N ARG A 89 -8.92 -18.38 -6.32
CA ARG A 89 -9.88 -18.78 -5.29
C ARG A 89 -10.82 -17.62 -4.97
N ALA A 90 -11.91 -17.92 -4.28
CA ALA A 90 -12.84 -16.88 -3.86
C ALA A 90 -12.15 -15.77 -3.03
N GLU A 91 -11.17 -16.16 -2.21
CA GLU A 91 -10.45 -15.22 -1.37
C GLU A 91 -9.53 -14.28 -2.16
N ASP A 92 -9.32 -14.56 -3.45
CA ASP A 92 -8.55 -13.68 -4.32
C ASP A 92 -9.37 -12.54 -4.91
N THR A 93 -10.69 -12.61 -4.74
CA THR A 93 -11.55 -11.52 -5.18
C THR A 93 -11.13 -10.20 -4.52
N GLY A 94 -11.08 -9.11 -5.30
CA GLY A 94 -10.71 -7.80 -4.76
C GLY A 94 -10.28 -6.82 -5.83
N ILE A 95 -9.94 -5.60 -5.42
CA ILE A 95 -9.42 -4.61 -6.34
C ILE A 95 -7.91 -4.69 -6.24
N TYR A 96 -7.23 -4.82 -7.38
CA TYR A 96 -5.78 -4.96 -7.41
C TYR A 96 -5.13 -3.68 -7.89
N TYR A 97 -4.15 -3.21 -7.11
CA TYR A 97 -3.37 -1.99 -7.35
C TYR A 97 -1.89 -2.26 -7.54
N CYS A 98 -1.28 -1.64 -8.55
CA CYS A 98 0.17 -1.55 -8.61
C CYS A 98 0.54 -0.28 -7.84
N THR A 99 1.64 -0.36 -7.13
CA THR A 99 2.04 0.74 -6.28
C THR A 99 3.49 0.63 -5.95
N GLY A 100 4.12 1.77 -5.76
CA GLY A 100 5.48 1.82 -5.34
C GLY A 100 5.99 3.23 -5.11
N VAL A 101 7.31 3.31 -4.94
CA VAL A 101 8.11 4.53 -4.68
C VAL A 101 8.00 5.00 -3.23
N GLY A 102 9.10 4.79 -2.51
CA GLY A 102 9.33 5.33 -1.19
C GLY A 102 8.27 5.29 -0.08
N GLN A 103 7.51 4.20 0.15
CA GLN A 103 7.51 2.95 -0.60
C GLN A 103 6.18 2.71 -1.30
N PHE A 104 5.14 3.48 -0.96
CA PHE A 104 3.81 3.32 -1.59
C PHE A 104 3.23 4.70 -1.87
N ALA A 105 4.24 5.66 -2.51
CA ALA A 105 3.74 6.99 -2.80
C ALA A 105 2.65 6.94 -3.88
N TYR A 106 2.82 6.09 -4.88
CA TYR A 106 1.96 6.10 -6.05
C TYR A 106 1.15 4.86 -6.17
N TRP A 107 -0.12 5.05 -6.51
CA TRP A 107 -1.08 3.99 -6.64
C TRP A 107 -1.81 4.19 -7.96
N GLY A 108 -2.06 3.10 -8.67
CA GLY A 108 -2.99 3.15 -9.78
C GLY A 108 -4.43 3.24 -9.30
N GLN A 109 -5.36 3.23 -10.23
CA GLN A 109 -6.76 3.37 -9.90
C GLN A 109 -7.41 2.04 -9.46
N GLY A 110 -6.67 0.94 -9.62
CA GLY A 110 -7.16 -0.38 -9.28
C GLY A 110 -7.85 -1.09 -10.43
N THR A 111 -7.71 -2.41 -10.50
CA THR A 111 -8.47 -3.23 -11.46
C THR A 111 -9.14 -4.37 -10.66
N THR A 112 -10.45 -4.52 -10.81
CA THR A 112 -11.20 -5.51 -10.05
C THR A 112 -11.12 -6.92 -10.61
N VAL A 113 -10.83 -7.86 -9.71
CA VAL A 113 -10.81 -9.27 -10.02
C VAL A 113 -11.90 -9.93 -9.19
N THR A 114 -12.90 -10.48 -9.87
CA THR A 114 -13.99 -11.19 -9.21
C THR A 114 -13.82 -12.66 -9.52
N VAL A 115 -13.67 -13.48 -8.48
CA VAL A 115 -13.64 -14.92 -8.69
C VAL A 115 -15.01 -15.53 -8.41
N SER A 116 -15.69 -15.99 -9.47
CA SER A 116 -16.70 -17.06 -9.42
C SER A 116 -17.56 -17.14 -10.68
N ASP A 135 1.52 -15.63 12.12
CA ASP A 135 0.97 -14.49 11.35
C ASP A 135 1.17 -13.19 12.11
N ILE A 136 1.57 -12.18 11.35
CA ILE A 136 1.78 -10.85 11.92
C ILE A 136 0.52 -10.02 11.78
N VAL A 137 0.19 -9.30 12.84
CA VAL A 137 -0.95 -8.41 12.86
C VAL A 137 -0.48 -6.99 13.13
N VAL A 138 -0.87 -6.07 12.27
CA VAL A 138 -0.60 -4.66 12.44
C VAL A 138 -1.90 -3.99 12.89
N THR A 139 -1.86 -3.30 14.04
CA THR A 139 -3.06 -2.73 14.63
C THR A 139 -3.12 -1.20 14.62
N GLN A 140 -4.25 -0.68 14.14
CA GLN A 140 -4.52 0.76 14.07
C GLN A 140 -5.82 1.03 14.82
N GLU A 141 -5.99 2.25 15.30
CA GLU A 141 -7.29 2.69 15.83
C GLU A 141 -8.37 2.48 14.78
N SER A 142 -9.52 1.92 15.15
CA SER A 142 -10.61 1.78 14.17
C SER A 142 -11.11 3.11 13.66
N ALA A 143 -11.29 4.06 14.57
CA ALA A 143 -11.81 5.37 14.22
C ALA A 143 -11.24 6.42 15.14
N LEU A 144 -11.11 7.63 14.59
CA LEU A 144 -10.79 8.79 15.41
C LEU A 144 -11.59 9.95 14.88
N THR A 145 -11.98 10.82 15.79
CA THR A 145 -12.80 11.98 15.45
C THR A 145 -12.04 13.23 15.87
N THR A 146 -12.03 14.19 14.97
CA THR A 146 -11.40 15.46 15.24
C THR A 146 -12.22 16.59 14.62
N SER A 147 -11.64 17.78 14.69
CA SER A 147 -12.22 19.01 14.16
C SER A 147 -11.16 19.77 13.40
N PRO A 148 -11.56 20.66 12.46
CA PRO A 148 -10.55 21.48 11.79
C PRO A 148 -9.63 22.21 12.74
N GLY A 149 -8.34 22.21 12.46
CA GLY A 149 -7.40 22.93 13.29
C GLY A 149 -6.86 22.22 14.49
N GLU A 150 -7.37 21.02 14.78
CA GLU A 150 -6.83 20.20 15.85
C GLU A 150 -5.66 19.39 15.35
N THR A 151 -4.87 18.90 16.30
CA THR A 151 -3.76 18.00 16.05
C THR A 151 -4.21 16.60 16.40
N VAL A 152 -4.10 15.70 15.43
CA VAL A 152 -4.56 14.34 15.62
C VAL A 152 -3.40 13.41 15.26
N THR A 153 -3.27 12.32 15.99
CA THR A 153 -2.19 11.37 15.79
C THR A 153 -2.78 10.01 15.66
N LEU A 154 -2.46 9.39 14.52
CA LEU A 154 -2.89 8.05 14.21
C LEU A 154 -1.73 7.15 14.54
N THR A 155 -2.02 5.96 15.07
CA THR A 155 -0.94 5.03 15.47
C THR A 155 -1.06 3.66 14.82
N CYS A 156 0.07 2.97 14.85
CA CYS A 156 0.28 1.74 14.12
C CYS A 156 1.20 0.86 14.99
N ARG A 157 0.65 -0.27 15.46
CA ARG A 157 1.32 -1.20 16.39
C ARG A 157 1.57 -2.53 15.69
N SER A 158 2.70 -3.17 16.04
CA SER A 158 3.06 -4.48 15.55
C SER A 158 2.87 -5.56 16.61
N SER A 159 2.34 -6.70 16.19
CA SER A 159 2.25 -7.87 17.06
C SER A 159 3.58 -8.54 17.35
N THR A 160 4.66 -8.18 16.63
CA THR A 160 5.96 -8.80 16.84
C THR A 160 6.73 -8.11 17.98
N GLY A 161 6.48 -6.73 18.48
CA GLY A 161 7.21 -5.89 19.38
C GLY A 161 7.08 -4.47 18.84
N ALA A 162 8.37 -3.74 19.24
CA ALA A 162 8.42 -2.37 18.80
C ALA A 162 8.42 -2.31 17.28
N VAL A 163 7.75 -1.06 16.74
CA VAL A 163 8.02 -0.54 15.42
C VAL A 163 9.27 0.34 15.52
N THR A 164 10.22 0.09 14.62
CA THR A 164 11.44 0.85 14.54
C THR A 164 11.66 1.19 13.10
N THR A 165 12.73 1.92 12.81
CA THR A 165 13.01 2.32 11.45
C THR A 165 13.19 1.12 10.52
N SER A 166 13.54 -0.04 11.06
CA SER A 166 13.67 -1.24 10.21
C SER A 166 12.33 -1.74 9.65
N ASN A 167 11.21 -1.24 10.19
CA ASN A 167 9.87 -1.55 9.68
C ASN A 167 9.40 -0.60 8.58
N TYR A 168 10.21 0.41 8.27
CA TYR A 168 9.93 1.33 7.16
C TYR A 168 8.44 1.70 7.09
N ALA A 169 7.90 2.26 8.18
CA ALA A 169 6.46 2.54 8.24
C ALA A 169 6.04 3.47 7.11
N ASN A 170 4.97 3.05 6.40
CA ASN A 170 4.32 3.88 5.40
C ASN A 170 2.91 4.20 5.85
N TRP A 171 2.41 5.36 5.42
CA TRP A 171 1.04 5.75 5.66
C TRP A 171 0.43 6.11 4.33
N VAL A 172 -0.74 5.56 4.08
CA VAL A 172 -1.44 5.69 2.83
C VAL A 172 -2.84 6.19 3.10
N GLN A 173 -3.29 7.15 2.32
CA GLN A 173 -4.63 7.69 2.48
C GLN A 173 -5.60 7.13 1.46
N GLU A 174 -6.76 6.66 1.91
CA GLU A 174 -7.86 6.24 1.02
C GLU A 174 -8.95 7.28 1.06
N LYS A 175 -9.17 7.92 -0.08
CA LYS A 175 -10.28 8.83 -0.20
C LYS A 175 -11.43 8.22 -1.07
N PRO A 176 -12.65 8.75 -0.87
CA PRO A 176 -13.91 8.14 -1.30
C PRO A 176 -13.81 7.23 -2.50
N ASP A 177 -14.19 5.98 -2.29
CA ASP A 177 -14.20 4.96 -3.31
C ASP A 177 -12.78 4.67 -3.81
N HIS A 178 -11.99 4.05 -2.94
CA HIS A 178 -10.83 3.26 -3.35
C HIS A 178 -9.78 4.07 -4.12
N LEU A 179 -9.59 5.32 -3.73
CA LEU A 179 -8.56 6.18 -4.30
C LEU A 179 -7.41 6.37 -3.28
N PHE A 180 -6.24 5.83 -3.62
CA PHE A 180 -5.15 5.77 -2.67
C PHE A 180 -4.03 6.69 -3.05
N THR A 181 -3.42 7.31 -2.05
CA THR A 181 -2.23 8.10 -2.24
C THR A 181 -1.35 7.87 -1.01
N GLY A 182 -0.07 7.65 -1.25
CA GLY A 182 0.89 7.47 -0.16
C GLY A 182 1.22 8.82 0.41
N LEU A 183 1.26 8.93 1.72
CA LEU A 183 1.58 10.18 2.37
C LEU A 183 2.98 10.16 2.93
N ILE A 184 3.31 9.07 3.62
CA ILE A 184 4.58 8.94 4.33
C ILE A 184 5.17 7.59 3.97
N GLY A 185 6.49 7.55 3.79
CA GLY A 185 7.27 6.32 3.73
C GLY A 185 8.53 6.42 4.55
N GLY A 186 9.22 5.29 4.71
CA GLY A 186 10.44 5.23 5.53
C GLY A 186 10.30 5.88 6.89
N THR A 187 9.15 5.67 7.54
CA THR A 187 8.83 6.17 8.89
C THR A 187 8.41 7.65 8.88
N ASN A 188 9.25 8.51 8.30
CA ASN A 188 9.17 9.94 8.51
C ASN A 188 9.23 10.78 7.25
N ASN A 189 9.10 10.17 6.07
CA ASN A 189 9.34 10.93 4.85
C ASN A 189 8.11 11.20 4.00
N ARG A 190 7.73 12.47 3.96
CA ARG A 190 6.58 12.90 3.19
C ARG A 190 6.83 12.60 1.71
N ALA A 191 5.91 11.88 1.07
CA ALA A 191 5.94 11.73 -0.40
C ALA A 191 5.87 13.11 -1.09
N PRO A 192 6.24 13.16 -2.39
CA PRO A 192 6.22 14.46 -3.06
C PRO A 192 4.84 15.07 -3.20
N GLY A 193 4.75 16.37 -2.93
CA GLY A 193 3.47 17.08 -3.02
C GLY A 193 2.51 16.82 -1.87
N VAL A 194 2.95 16.10 -0.85
CA VAL A 194 2.07 15.85 0.31
C VAL A 194 2.07 17.10 1.21
N PRO A 195 0.88 17.56 1.65
CA PRO A 195 0.83 18.76 2.47
C PRO A 195 1.71 18.67 3.73
N ALA A 196 2.29 19.80 4.11
CA ALA A 196 3.16 19.87 5.28
C ALA A 196 2.49 19.50 6.60
N ARG A 197 1.16 19.61 6.69
CA ARG A 197 0.46 19.24 7.93
C ARG A 197 0.55 17.75 8.31
N PHE A 198 0.93 16.89 7.35
CA PHE A 198 1.15 15.46 7.61
C PHE A 198 2.59 15.19 8.00
N SER A 199 2.81 14.51 9.11
CA SER A 199 4.16 14.05 9.39
C SER A 199 4.09 12.65 9.97
N GLY A 200 5.14 11.89 9.72
CA GLY A 200 5.28 10.58 10.35
C GLY A 200 6.47 10.51 11.25
N SER A 201 6.35 9.68 12.28
CA SER A 201 7.36 9.55 13.31
CA SER A 201 7.41 9.52 13.27
C SER A 201 7.18 8.20 13.99
N LEU A 202 8.09 7.91 14.91
CA LEU A 202 7.89 6.81 15.83
C LEU A 202 7.56 7.50 17.13
N ILE A 203 6.54 6.98 17.79
CA ILE A 203 6.15 7.46 19.10
C ILE A 203 6.13 6.25 20.04
N GLY A 204 7.01 6.26 21.03
CA GLY A 204 7.13 5.08 21.88
C GLY A 204 7.58 3.89 21.02
N ASP A 205 6.77 2.84 21.07
CA ASP A 205 7.05 1.62 20.32
C ASP A 205 6.14 1.46 19.06
N LYS A 206 5.52 2.56 18.62
CA LYS A 206 4.57 2.57 17.47
C LYS A 206 4.97 3.59 16.41
N ALA A 207 4.54 3.34 15.19
CA ALA A 207 4.61 4.34 14.12
C ALA A 207 3.41 5.23 14.29
N ALA A 208 3.57 6.49 13.88
CA ALA A 208 2.57 7.49 14.09
C ALA A 208 2.50 8.46 12.93
N LEU A 209 1.27 8.77 12.53
CA LEU A 209 0.97 9.84 11.58
C LEU A 209 0.32 10.98 12.31
N THR A 210 0.91 12.15 12.21
CA THR A 210 0.36 13.31 12.90
C THR A 210 -0.13 14.29 11.86
N ILE A 211 -1.33 14.81 12.05
CA ILE A 211 -1.86 15.91 11.22
C ILE A 211 -1.94 17.11 12.16
N THR A 212 -1.10 18.12 11.89
CA THR A 212 -1.04 19.29 12.72
C THR A 212 -1.90 20.36 12.06
N GLY A 213 -3.14 20.46 12.53
CA GLY A 213 -4.13 21.33 11.91
C GLY A 213 -4.94 20.57 10.91
N ALA A 214 -5.81 19.67 11.40
CA ALA A 214 -6.64 18.84 10.54
C ALA A 214 -7.55 19.72 9.70
N GLN A 215 -7.79 19.30 8.47
CA GLN A 215 -8.65 20.03 7.56
C GLN A 215 -9.81 19.13 7.10
N THR A 216 -10.92 19.73 6.73
CA THR A 216 -12.12 18.97 6.46
CA THR A 216 -12.14 18.97 6.43
C THR A 216 -11.86 17.88 5.42
N GLU A 217 -11.01 18.19 4.44
CA GLU A 217 -10.72 17.26 3.34
C GLU A 217 -9.87 16.08 3.79
N ASP A 218 -9.36 16.13 5.01
CA ASP A 218 -8.60 15.03 5.58
C ASP A 218 -9.45 13.85 6.08
N GLU A 219 -10.76 14.02 6.07
CA GLU A 219 -11.68 12.93 6.39
C GLU A 219 -11.47 11.82 5.32
N ALA A 220 -11.04 10.66 5.79
CA ALA A 220 -10.53 9.58 4.94
C ALA A 220 -10.26 8.37 5.82
N ILE A 221 -9.93 7.24 5.18
CA ILE A 221 -9.35 6.07 5.86
C ILE A 221 -7.84 6.10 5.67
N TYR A 222 -7.10 5.87 6.75
CA TYR A 222 -5.64 5.88 6.71
C TYR A 222 -5.11 4.50 7.10
N PHE A 223 -4.25 3.94 6.25
CA PHE A 223 -3.63 2.64 6.48
C PHE A 223 -2.16 2.83 6.72
N CYS A 224 -1.61 2.06 7.65
CA CYS A 224 -0.17 1.95 7.76
C CYS A 224 0.25 0.59 7.22
N ALA A 225 1.49 0.53 6.79
CA ALA A 225 2.10 -0.74 6.42
C ALA A 225 3.48 -0.81 7.02
N LEU A 226 3.83 -1.98 7.53
CA LEU A 226 5.12 -2.24 8.12
C LEU A 226 5.81 -3.38 7.37
N TRP A 227 7.12 -3.24 7.28
CA TRP A 227 7.97 -4.17 6.60
C TRP A 227 8.58 -5.11 7.59
N TYR A 228 8.55 -6.39 7.23
CA TYR A 228 9.10 -7.46 8.07
C TYR A 228 10.07 -8.33 7.26
N SER A 229 11.26 -7.83 7.02
CA SER A 229 12.33 -8.59 6.32
C SER A 229 12.12 -8.73 4.82
N ASN A 230 11.01 -9.34 4.43
CA ASN A 230 10.76 -9.69 3.02
C ASN A 230 9.29 -9.62 2.61
N HIS A 231 8.49 -8.91 3.40
CA HIS A 231 7.09 -8.71 3.08
C HIS A 231 6.55 -7.56 3.92
N TRP A 232 5.46 -7.01 3.42
CA TRP A 232 4.72 -5.95 4.08
C TRP A 232 3.47 -6.52 4.69
N VAL A 233 3.08 -5.97 5.83
CA VAL A 233 1.79 -6.21 6.42
C VAL A 233 1.11 -4.84 6.60
N PHE A 234 -0.08 -4.72 6.04
CA PHE A 234 -0.95 -3.53 6.22
C PHE A 234 -1.83 -3.66 7.46
N GLY A 235 -1.99 -2.55 8.15
CA GLY A 235 -3.00 -2.41 9.21
C GLY A 235 -4.44 -2.44 8.69
N GLY A 236 -5.39 -2.49 9.63
CA GLY A 236 -6.81 -2.56 9.24
C GLY A 236 -7.41 -1.24 8.82
N GLY A 237 -6.69 -0.15 9.06
CA GLY A 237 -7.14 1.18 8.69
C GLY A 237 -7.85 1.90 9.82
N THR A 238 -7.74 3.23 9.79
CA THR A 238 -8.36 4.12 10.77
C THR A 238 -9.27 5.05 9.99
N LYS A 239 -10.55 5.10 10.35
CA LYS A 239 -11.46 6.09 9.76
C LYS A 239 -11.36 7.38 10.56
N LEU A 240 -10.92 8.44 9.88
CA LEU A 240 -10.76 9.73 10.52
C LEU A 240 -11.92 10.58 10.07
N THR A 241 -12.68 11.07 11.05
CA THR A 241 -13.84 11.93 10.83
C THR A 241 -13.42 13.29 11.29
N VAL A 242 -13.72 14.29 10.46
CA VAL A 242 -13.42 15.69 10.76
C VAL A 242 -14.73 16.48 10.75
N LEU A 243 -15.09 16.95 12.20
CA LEU A 243 -16.44 17.37 12.46
C LEU A 243 -16.39 18.88 12.48
N GLY A 244 -17.22 19.52 11.68
CA GLY A 244 -17.35 20.99 11.72
C GLY A 244 -16.24 21.73 10.98
N ALA B 1 15.79 -1.89 4.19
CA ALA B 1 15.67 -3.21 3.52
C ALA B 1 14.54 -3.37 2.49
N PRO B 2 13.43 -2.59 2.55
CA PRO B 2 12.66 -2.59 1.30
C PRO B 2 13.24 -1.54 0.33
N ASP B 3 12.47 -1.06 -0.65
CA ASP B 3 13.00 -0.05 -1.59
C ASP B 3 13.12 1.27 -0.87
N CYS B 4 14.29 1.56 -0.32
CA CYS B 4 14.45 2.76 0.49
C CYS B 4 14.92 3.94 -0.36
N ARG B 5 14.81 3.81 -1.68
CA ARG B 5 15.18 4.89 -2.58
C ARG B 5 14.03 5.93 -2.61
N PRO B 6 14.38 7.23 -2.54
CA PRO B 6 13.30 8.21 -2.43
C PRO B 6 12.50 8.40 -3.73
C1 EDO C . -4.29 -5.92 -19.49
O1 EDO C . -4.75 -5.45 -20.77
C2 EDO C . -4.21 -7.44 -19.45
O2 EDO C . -3.07 -7.84 -18.69
C1 EDO D . 0.13 -22.83 -11.14
O1 EDO D . -0.11 -22.49 -9.76
C2 EDO D . -0.23 -24.30 -11.40
O2 EDO D . 0.41 -25.19 -10.46
C1 EDO E . -3.06 23.40 18.61
O1 EDO E . -3.85 24.03 19.63
C2 EDO E . -3.52 21.97 18.30
O2 EDO E . -3.99 21.86 16.95
C1 EDO F . 13.07 -5.50 13.54
O1 EDO F . 12.72 -5.08 12.21
C2 EDO F . 12.94 -7.01 13.62
O2 EDO F . 11.99 -7.44 12.62
O5 A2G G . 16.85 0.33 -0.45
C1 A2G G . 17.23 0.73 0.88
C2 A2G G . 18.57 0.03 1.12
N2 A2G G . 19.01 0.10 2.51
C3 A2G G . 19.58 0.63 0.14
O3 A2G G . 20.82 -0.01 0.36
C4 A2G G . 19.09 0.38 -1.27
O4 A2G G . 18.98 -1.02 -1.57
C5 A2G G . 17.68 0.93 -1.45
C6 A2G G . 17.16 0.64 -2.86
O6 A2G G . 16.54 -0.66 -2.87
C7 A2G G . 19.18 -1.01 3.24
O7 A2G G . 19.04 -2.13 2.78
C8 A2G G . 19.50 -0.81 4.70
#